data_1MJI
#
_entry.id   1MJI
#
_cell.length_a   51.89
_cell.length_b   99.60
_cell.length_c   65.73
_cell.angle_alpha   90.00
_cell.angle_beta   100.05
_cell.angle_gamma   90.00
#
_symmetry.space_group_name_H-M   'P 1 21 1'
#
loop_
_entity.id
_entity.type
_entity.pdbx_description
1 polymer '5S rRNA fragment'
2 polymer '50S ribosomal protein L5'
3 non-polymer 'MAGNESIUM ION'
4 non-polymer 'POTASSIUM ION'
5 water water
#
loop_
_entity_poly.entity_id
_entity_poly.type
_entity_poly.pdbx_seq_one_letter_code
_entity_poly.pdbx_strand_id
1 'polyribonucleotide' GGCACCUGACCCCAUGCCGAACUCAGAAGUGCCC C,D
2 'polypeptide(L)'
;MPLDVALKRKYYEEVRPELIRRFGYQNVWEVPRLEKVVINQGLGEAKEDARILEKAAQELALITGQKPAVTRAKKSISNF
KLRKGMPIGLRVTLRRDR(MSE)WIFLEKLLNVALPRIRDFRGLNPNSFDGRGNYNLGLREQLIFPEITYDMVDALRG
(MSE)DIAVVTTAETDEEARALLELLGFPFRK
;
A,B
#
loop_
_chem_comp.id
_chem_comp.type
_chem_comp.name
_chem_comp.formula
A RNA linking ADENOSINE-5'-MONOPHOSPHATE 'C10 H14 N5 O7 P'
C RNA linking CYTIDINE-5'-MONOPHOSPHATE 'C9 H14 N3 O8 P'
G RNA linking GUANOSINE-5'-MONOPHOSPHATE 'C10 H14 N5 O8 P'
K non-polymer 'POTASSIUM ION' 'K 1'
MG non-polymer 'MAGNESIUM ION' 'Mg 2'
U RNA linking URIDINE-5'-MONOPHOSPHATE 'C9 H13 N2 O9 P'
#
# COMPACT_ATOMS: atom_id res chain seq x y z
N LEU C 3 -14.06 -17.16 -11.94
CA LEU C 3 -12.80 -17.45 -11.19
C LEU C 3 -13.16 -18.17 -9.88
N ASP C 4 -13.76 -19.35 -10.01
CA ASP C 4 -14.18 -20.12 -8.85
C ASP C 4 -13.06 -20.94 -8.21
N VAL C 5 -12.38 -20.32 -7.23
CA VAL C 5 -11.28 -20.96 -6.53
C VAL C 5 -11.72 -21.54 -5.18
N ALA C 6 -11.31 -22.77 -4.90
CA ALA C 6 -11.68 -23.45 -3.66
C ALA C 6 -11.33 -22.69 -2.37
N LEU C 7 -10.08 -22.26 -2.21
CA LEU C 7 -9.64 -21.55 -1.00
C LEU C 7 -10.24 -20.14 -0.92
N LYS C 8 -10.48 -19.54 -2.07
CA LYS C 8 -11.07 -18.20 -2.09
C LYS C 8 -12.49 -18.33 -1.59
N ARG C 9 -13.21 -19.28 -2.17
CA ARG C 9 -14.60 -19.55 -1.81
C ARG C 9 -14.73 -19.73 -0.31
N LYS C 10 -13.79 -20.45 0.29
CA LYS C 10 -13.81 -20.70 1.72
C LYS C 10 -13.60 -19.42 2.54
N TYR C 11 -12.83 -18.47 2.02
CA TYR C 11 -12.60 -17.24 2.76
C TYR C 11 -13.88 -16.44 2.96
N TYR C 12 -14.57 -16.13 1.87
CA TYR C 12 -15.81 -15.36 1.97
C TYR C 12 -16.96 -16.13 2.62
N GLU C 13 -17.01 -17.44 2.37
CA GLU C 13 -18.07 -18.30 2.91
C GLU C 13 -17.94 -18.66 4.36
N GLU C 14 -16.76 -19.14 4.75
CA GLU C 14 -16.55 -19.55 6.13
C GLU C 14 -15.63 -18.62 6.93
N VAL C 15 -14.38 -18.50 6.50
CA VAL C 15 -13.40 -17.69 7.20
C VAL C 15 -13.79 -16.26 7.54
N ARG C 16 -14.42 -15.55 6.59
CA ARG C 16 -14.80 -14.16 6.80
C ARG C 16 -15.90 -13.97 7.85
N PRO C 17 -16.97 -14.78 7.77
CA PRO C 17 -18.05 -14.66 8.75
C PRO C 17 -17.65 -14.97 10.19
N GLU C 18 -16.72 -15.91 10.38
CA GLU C 18 -16.27 -16.26 11.74
C GLU C 18 -15.28 -15.26 12.33
N LEU C 19 -14.53 -14.55 11.48
CA LEU C 19 -13.57 -13.55 11.98
C LEU C 19 -14.35 -12.34 12.49
N ILE C 20 -15.47 -12.06 11.83
CA ILE C 20 -16.34 -10.96 12.18
C ILE C 20 -17.07 -11.32 13.48
N ARG C 21 -16.86 -12.54 13.96
CA ARG C 21 -17.48 -12.99 15.20
C ARG C 21 -16.43 -12.94 16.31
N ARG C 22 -15.30 -13.62 16.09
CA ARG C 22 -14.23 -13.65 17.08
C ARG C 22 -13.82 -12.25 17.51
N PHE C 23 -13.69 -11.35 16.54
CA PHE C 23 -13.27 -9.97 16.82
C PHE C 23 -14.37 -8.95 16.56
N GLY C 24 -15.46 -9.42 15.94
CA GLY C 24 -16.59 -8.55 15.64
C GLY C 24 -16.17 -7.26 14.98
N TYR C 25 -15.95 -7.31 13.66
CA TYR C 25 -15.55 -6.11 12.92
C TYR C 25 -16.77 -5.31 12.49
N GLN C 26 -16.66 -3.99 12.59
CA GLN C 26 -17.73 -3.06 12.23
C GLN C 26 -18.16 -3.20 10.77
N ASN C 27 -17.23 -2.97 9.85
CA ASN C 27 -17.50 -3.06 8.41
C ASN C 27 -16.73 -4.24 7.79
N VAL C 28 -17.28 -4.80 6.71
CA VAL C 28 -16.63 -5.95 6.08
C VAL C 28 -15.21 -5.67 5.57
N TRP C 29 -14.88 -4.40 5.38
CA TRP C 29 -13.56 -4.05 4.87
C TRP C 29 -12.42 -3.98 5.89
N GLU C 30 -12.74 -4.16 7.17
CA GLU C 30 -11.72 -4.15 8.22
C GLU C 30 -11.36 -5.59 8.59
N VAL C 31 -12.08 -6.56 8.03
CA VAL C 31 -11.82 -7.97 8.31
C VAL C 31 -10.53 -8.33 7.57
N PRO C 32 -9.56 -8.90 8.29
CA PRO C 32 -8.28 -9.27 7.68
C PRO C 32 -8.44 -10.08 6.40
N ARG C 33 -7.56 -9.82 5.45
CA ARG C 33 -7.55 -10.50 4.17
C ARG C 33 -6.13 -10.94 3.87
N LEU C 34 -6.00 -11.73 2.81
CA LEU C 34 -4.71 -12.20 2.35
C LEU C 34 -4.30 -11.07 1.39
N GLU C 35 -3.04 -10.64 1.44
CA GLU C 35 -2.56 -9.55 0.58
C GLU C 35 -1.68 -10.09 -0.56
N LYS C 36 -0.63 -10.83 -0.17
CA LYS C 36 0.30 -11.44 -1.13
C LYS C 36 1.04 -12.63 -0.52
N VAL C 37 1.75 -13.38 -1.36
CA VAL C 37 2.55 -14.51 -0.91
C VAL C 37 3.85 -14.35 -1.68
N VAL C 38 4.94 -14.12 -0.98
CA VAL C 38 6.24 -13.95 -1.63
C VAL C 38 7.06 -15.23 -1.48
N ILE C 39 7.39 -15.84 -2.60
CA ILE C 39 8.16 -17.06 -2.59
C ILE C 39 9.59 -16.76 -3.02
N ASN C 40 10.55 -17.04 -2.14
CA ASN C 40 11.97 -16.81 -2.44
C ASN C 40 12.80 -18.08 -2.36
N GLN C 41 13.30 -18.53 -3.51
CA GLN C 41 14.14 -19.73 -3.60
C GLN C 41 15.56 -19.28 -3.78
N GLY C 42 16.32 -19.23 -2.69
CA GLY C 42 17.70 -18.79 -2.75
C GLY C 42 18.70 -19.83 -3.20
N LEU C 43 19.87 -19.37 -3.62
CA LEU C 43 20.92 -20.26 -4.08
C LEU C 43 21.97 -20.48 -2.97
N GLY C 44 22.08 -19.50 -2.06
CA GLY C 44 23.02 -19.61 -0.96
C GLY C 44 24.49 -19.81 -1.30
N GLU C 45 24.81 -19.69 -2.59
CA GLU C 45 26.17 -19.82 -3.10
C GLU C 45 26.90 -21.11 -2.69
N ALA C 46 26.16 -22.08 -2.17
CA ALA C 46 26.74 -23.36 -1.75
C ALA C 46 27.04 -24.22 -2.96
N LYS C 47 26.34 -23.93 -4.05
CA LYS C 47 26.50 -24.63 -5.32
C LYS C 47 26.36 -23.52 -6.37
N GLU C 48 27.22 -23.53 -7.38
CA GLU C 48 27.19 -22.46 -8.38
C GLU C 48 26.82 -22.85 -9.82
N ASP C 49 26.74 -24.14 -10.11
CA ASP C 49 26.40 -24.60 -11.46
C ASP C 49 25.25 -23.74 -12.01
N ALA C 50 25.36 -23.36 -13.29
CA ALA C 50 24.36 -22.54 -13.95
C ALA C 50 23.05 -23.27 -14.20
N ARG C 51 23.13 -24.57 -14.33
CA ARG C 51 21.95 -25.36 -14.59
C ARG C 51 21.07 -25.46 -13.34
N ILE C 52 21.56 -24.94 -12.23
CA ILE C 52 20.79 -24.96 -10.99
C ILE C 52 19.75 -23.83 -11.04
N LEU C 53 20.20 -22.62 -11.33
CA LEU C 53 19.29 -21.48 -11.40
C LEU C 53 18.15 -21.75 -12.40
N GLU C 54 18.48 -22.33 -13.55
CA GLU C 54 17.48 -22.60 -14.59
C GLU C 54 16.50 -23.73 -14.31
N LYS C 55 16.93 -24.71 -13.53
CA LYS C 55 16.08 -25.84 -13.14
C LYS C 55 15.09 -25.31 -12.11
N ALA C 56 15.61 -24.52 -11.17
CA ALA C 56 14.77 -23.93 -10.14
C ALA C 56 13.83 -22.89 -10.78
N ALA C 57 14.38 -22.01 -11.61
CA ALA C 57 13.59 -20.98 -12.27
C ALA C 57 12.37 -21.57 -13.02
N GLN C 58 12.53 -22.75 -13.63
CA GLN C 58 11.46 -23.39 -14.39
C GLN C 58 10.42 -24.19 -13.59
N GLU C 59 10.83 -24.79 -12.48
CA GLU C 59 9.90 -25.55 -11.66
C GLU C 59 9.11 -24.55 -10.82
N LEU C 60 9.77 -23.49 -10.36
CA LEU C 60 9.12 -22.47 -9.54
C LEU C 60 8.03 -21.73 -10.33
N ALA C 61 8.24 -21.65 -11.64
CA ALA C 61 7.30 -20.99 -12.55
C ALA C 61 6.06 -21.85 -12.82
N LEU C 62 6.23 -23.17 -12.79
CA LEU C 62 5.12 -24.07 -13.03
C LEU C 62 4.21 -24.19 -11.80
N ILE C 63 4.82 -24.32 -10.63
CA ILE C 63 4.05 -24.43 -9.40
C ILE C 63 3.37 -23.13 -8.99
N THR C 64 3.89 -21.99 -9.46
CA THR C 64 3.29 -20.71 -9.09
C THR C 64 2.48 -20.14 -10.24
N GLY C 65 2.82 -20.53 -11.46
CA GLY C 65 2.13 -20.02 -12.63
C GLY C 65 2.55 -18.58 -12.91
N GLN C 66 3.80 -18.26 -12.56
CA GLN C 66 4.30 -16.91 -12.74
C GLN C 66 5.79 -16.90 -13.03
N LYS C 67 6.25 -15.87 -13.72
CA LYS C 67 7.65 -15.74 -14.05
C LYS C 67 8.50 -15.34 -12.87
N PRO C 68 9.49 -16.16 -12.49
CA PRO C 68 10.32 -15.75 -11.34
C PRO C 68 11.32 -14.66 -11.74
N ALA C 69 11.65 -13.79 -10.79
CA ALA C 69 12.62 -12.73 -11.03
C ALA C 69 13.93 -13.17 -10.39
N VAL C 70 15.05 -12.93 -11.08
CA VAL C 70 16.34 -13.32 -10.55
C VAL C 70 16.85 -12.23 -9.63
N THR C 71 17.02 -12.56 -8.35
CA THR C 71 17.55 -11.60 -7.39
C THR C 71 19.06 -11.63 -7.58
N ARG C 72 19.74 -10.54 -7.27
CA ARG C 72 21.18 -10.53 -7.46
C ARG C 72 21.95 -9.91 -6.30
N ALA C 73 23.21 -10.30 -6.18
CA ALA C 73 24.07 -9.79 -5.14
C ALA C 73 24.35 -8.33 -5.50
N LYS C 74 24.05 -7.43 -4.58
CA LYS C 74 24.30 -6.02 -4.83
C LYS C 74 25.81 -5.76 -4.82
N LYS C 75 26.32 -5.14 -3.77
CA LYS C 75 27.74 -4.83 -3.70
C LYS C 75 28.61 -6.07 -3.52
N SER C 76 29.88 -5.96 -3.89
CA SER C 76 30.82 -7.08 -3.82
C SER C 76 31.24 -7.46 -2.40
N ILE C 77 31.81 -8.66 -2.29
CA ILE C 77 32.29 -9.18 -1.01
C ILE C 77 33.69 -9.76 -1.21
N SER C 78 34.17 -10.50 -0.22
CA SER C 78 35.49 -11.12 -0.26
C SER C 78 35.95 -11.38 -1.70
N ASN C 79 37.06 -10.75 -2.08
CA ASN C 79 37.61 -10.90 -3.43
C ASN C 79 38.79 -11.87 -3.46
N PHE C 80 38.50 -13.16 -3.45
CA PHE C 80 39.57 -14.17 -3.50
C PHE C 80 39.68 -14.71 -4.93
N LYS C 81 38.53 -14.91 -5.56
CA LYS C 81 38.43 -15.42 -6.93
C LYS C 81 37.04 -16.03 -7.11
N LEU C 82 36.75 -17.04 -6.29
CA LEU C 82 35.47 -17.74 -6.31
C LEU C 82 34.69 -17.36 -5.04
N ARG C 83 33.97 -16.24 -5.10
CA ARG C 83 33.19 -15.77 -3.95
C ARG C 83 31.75 -15.33 -4.26
N LYS C 84 31.57 -14.16 -4.87
CA LYS C 84 30.22 -13.67 -5.20
C LYS C 84 29.89 -13.80 -6.67
N GLY C 85 28.79 -14.50 -6.98
CA GLY C 85 28.37 -14.65 -8.36
C GLY C 85 27.71 -13.36 -8.78
N MET C 86 26.39 -13.42 -8.97
CA MET C 86 25.59 -12.25 -9.34
C MET C 86 24.15 -12.66 -9.04
N PRO C 87 23.65 -13.76 -9.66
CA PRO C 87 22.28 -14.15 -9.36
C PRO C 87 22.31 -14.92 -8.04
N ILE C 88 21.54 -14.45 -7.06
CA ILE C 88 21.52 -15.08 -5.74
C ILE C 88 20.23 -15.82 -5.37
N GLY C 89 19.28 -15.88 -6.30
CA GLY C 89 18.03 -16.57 -6.03
C GLY C 89 16.88 -16.17 -6.95
N LEU C 90 15.73 -16.78 -6.74
CA LEU C 90 14.55 -16.47 -7.54
C LEU C 90 13.50 -15.89 -6.60
N ARG C 91 12.65 -15.03 -7.15
CA ARG C 91 11.59 -14.42 -6.36
C ARG C 91 10.30 -14.17 -7.16
N VAL C 92 9.16 -14.54 -6.58
CA VAL C 92 7.86 -14.31 -7.18
C VAL C 92 6.90 -13.79 -6.12
N THR C 93 6.09 -12.81 -6.50
CA THR C 93 5.13 -12.22 -5.60
C THR C 93 3.76 -12.59 -6.17
N LEU C 94 3.04 -13.46 -5.43
CA LEU C 94 1.70 -13.93 -5.81
C LEU C 94 0.57 -13.11 -5.19
N ARG C 95 -0.28 -12.54 -6.03
CA ARG C 95 -1.40 -11.74 -5.56
C ARG C 95 -2.67 -12.25 -6.26
N ARG C 96 -3.83 -11.90 -5.71
CA ARG C 96 -5.10 -12.31 -6.30
C ARG C 96 -5.24 -13.80 -6.60
N ASP C 97 -5.83 -14.13 -7.74
CA ASP C 97 -6.07 -15.51 -8.14
C ASP C 97 -4.91 -16.48 -8.18
N ARG C 98 -3.73 -16.03 -8.59
CA ARG C 98 -2.61 -16.96 -8.59
C ARG C 98 -2.17 -17.30 -7.16
N MSE C 99 -2.51 -16.42 -6.22
CA MSE C 99 -2.18 -16.64 -4.82
C MSE C 99 -3.14 -17.66 -4.21
O MSE C 99 -2.72 -18.54 -3.46
CB MSE C 99 -2.29 -15.33 -4.06
CG MSE C 99 -2.29 -15.45 -2.57
SE MSE C 99 -2.69 -13.74 -1.73
CE MSE C 99 -4.33 -13.29 -2.65
N TRP C 100 -4.42 -17.53 -4.53
CA TRP C 100 -5.41 -18.46 -4.00
C TRP C 100 -5.18 -19.87 -4.54
N ILE C 101 -4.71 -19.95 -5.78
CA ILE C 101 -4.43 -21.23 -6.42
C ILE C 101 -3.14 -21.88 -5.88
N PHE C 102 -2.13 -21.06 -5.60
CA PHE C 102 -0.89 -21.59 -5.07
C PHE C 102 -1.07 -22.10 -3.64
N LEU C 103 -1.79 -21.34 -2.81
CA LEU C 103 -2.00 -21.75 -1.43
C LEU C 103 -2.86 -23.00 -1.32
N GLU C 104 -3.79 -23.19 -2.26
CA GLU C 104 -4.67 -24.36 -2.26
C GLU C 104 -3.88 -25.62 -2.64
N LYS C 105 -2.90 -25.45 -3.52
CA LYS C 105 -2.08 -26.58 -3.92
C LYS C 105 -1.00 -26.82 -2.86
N LEU C 106 -0.44 -25.75 -2.31
CA LEU C 106 0.61 -25.88 -1.30
C LEU C 106 0.11 -26.57 -0.04
N LEU C 107 -0.93 -26.02 0.56
CA LEU C 107 -1.51 -26.54 1.79
C LEU C 107 -2.29 -27.86 1.72
N ASN C 108 -3.06 -28.05 0.65
CA ASN C 108 -3.90 -29.24 0.51
C ASN C 108 -3.38 -30.48 -0.23
N VAL C 109 -2.41 -30.31 -1.12
CA VAL C 109 -1.86 -31.45 -1.85
C VAL C 109 -0.33 -31.60 -1.65
N ALA C 110 0.40 -30.49 -1.68
CA ALA C 110 1.86 -30.53 -1.53
C ALA C 110 2.35 -30.85 -0.11
N LEU C 111 1.91 -30.05 0.86
CA LEU C 111 2.31 -30.21 2.27
C LEU C 111 1.89 -31.56 2.87
N PRO C 112 0.68 -32.05 2.54
CA PRO C 112 0.25 -33.33 3.10
C PRO C 112 1.05 -34.54 2.55
N ARG C 113 1.35 -34.54 1.27
CA ARG C 113 2.11 -35.63 0.66
C ARG C 113 3.58 -35.65 1.10
N ILE C 114 3.83 -35.26 2.34
CA ILE C 114 5.19 -35.26 2.87
C ILE C 114 5.24 -36.07 4.16
N ARG C 115 6.14 -37.05 4.19
CA ARG C 115 6.30 -37.92 5.37
C ARG C 115 6.71 -37.11 6.59
N ASP C 116 7.85 -36.45 6.48
CA ASP C 116 8.38 -35.62 7.56
C ASP C 116 7.56 -34.33 7.69
N PHE C 117 6.32 -34.48 8.14
CA PHE C 117 5.45 -33.32 8.33
C PHE C 117 4.45 -33.61 9.46
N ARG C 118 4.43 -32.72 10.45
CA ARG C 118 3.53 -32.86 11.57
C ARG C 118 2.59 -31.65 11.58
N GLY C 119 3.05 -30.58 10.95
CA GLY C 119 2.28 -29.35 10.87
C GLY C 119 3.17 -28.12 10.91
N LEU C 120 2.58 -26.95 10.69
CA LEU C 120 3.34 -25.70 10.69
C LEU C 120 3.55 -25.15 12.09
N ASN C 121 4.62 -24.40 12.28
CA ASN C 121 4.93 -23.81 13.57
C ASN C 121 4.09 -22.55 13.68
N PRO C 122 3.09 -22.55 14.58
CA PRO C 122 2.19 -21.42 14.80
C PRO C 122 2.85 -20.18 15.42
N ASN C 123 4.13 -20.30 15.75
CA ASN C 123 4.85 -19.18 16.36
C ASN C 123 5.63 -18.35 15.34
N SER C 124 5.69 -18.81 14.10
CA SER C 124 6.42 -18.10 13.06
C SER C 124 5.68 -16.90 12.50
N PHE C 125 5.28 -15.98 13.38
CA PHE C 125 4.61 -14.75 12.97
C PHE C 125 5.55 -13.60 13.28
N ASP C 126 5.59 -12.60 12.40
CA ASP C 126 6.51 -11.48 12.53
C ASP C 126 6.17 -10.33 13.48
N GLY C 127 5.03 -10.39 14.14
CA GLY C 127 4.69 -9.33 15.06
C GLY C 127 3.85 -8.25 14.42
N ARG C 128 3.60 -8.38 13.12
CA ARG C 128 2.80 -7.40 12.41
C ARG C 128 1.74 -8.05 11.50
N GLY C 129 1.28 -9.23 11.88
CA GLY C 129 0.25 -9.91 11.11
C GLY C 129 0.69 -10.73 9.92
N ASN C 130 1.98 -11.00 9.79
CA ASN C 130 2.46 -11.79 8.67
C ASN C 130 3.11 -13.09 9.13
N TYR C 131 2.93 -14.16 8.37
CA TYR C 131 3.48 -15.47 8.71
C TYR C 131 4.71 -15.77 7.84
N ASN C 132 5.73 -16.39 8.41
CA ASN C 132 6.94 -16.71 7.65
C ASN C 132 7.22 -18.21 7.72
N LEU C 133 7.39 -18.83 6.56
CA LEU C 133 7.64 -20.27 6.45
C LEU C 133 8.93 -20.59 5.68
N GLY C 134 9.52 -21.75 6.00
CA GLY C 134 10.73 -22.17 5.33
C GLY C 134 10.60 -23.65 4.98
N LEU C 135 10.50 -23.97 3.69
CA LEU C 135 10.37 -25.36 3.25
C LEU C 135 11.51 -25.88 2.38
N ARG C 136 12.27 -26.84 2.93
CA ARG C 136 13.41 -27.47 2.24
C ARG C 136 13.12 -28.91 1.79
N GLU C 137 11.85 -29.28 1.74
CA GLU C 137 11.46 -30.62 1.31
C GLU C 137 10.98 -30.60 -0.14
N GLN C 138 10.58 -31.77 -0.63
CA GLN C 138 10.05 -31.86 -1.99
C GLN C 138 8.59 -31.42 -1.90
N LEU C 139 8.15 -30.59 -2.85
CA LEU C 139 6.75 -30.14 -2.85
C LEU C 139 6.08 -30.74 -4.06
N ILE C 140 5.14 -31.66 -3.86
CA ILE C 140 4.43 -32.27 -4.98
C ILE C 140 3.18 -31.46 -5.37
N PHE C 141 3.21 -30.92 -6.59
CA PHE C 141 2.10 -30.10 -7.11
C PHE C 141 1.41 -30.80 -8.27
N PRO C 142 0.16 -30.41 -8.56
CA PRO C 142 -0.55 -31.06 -9.68
C PRO C 142 0.29 -30.98 -10.97
N GLU C 143 0.93 -29.82 -11.17
CA GLU C 143 1.76 -29.57 -12.34
C GLU C 143 2.96 -30.52 -12.38
N ILE C 144 4.06 -30.06 -11.81
CA ILE C 144 5.30 -30.81 -11.75
C ILE C 144 5.64 -31.04 -10.29
N THR C 145 6.86 -31.47 -10.02
CA THR C 145 7.28 -31.68 -8.65
C THR C 145 8.46 -30.74 -8.35
N TYR C 146 8.31 -29.93 -7.32
CA TYR C 146 9.38 -29.01 -6.94
C TYR C 146 10.34 -29.79 -6.06
N ASP C 147 11.47 -30.20 -6.65
CA ASP C 147 12.47 -30.97 -5.93
C ASP C 147 13.89 -30.44 -6.17
N MET C 148 14.33 -29.56 -5.30
CA MET C 148 15.67 -28.98 -5.35
C MET C 148 16.25 -29.14 -3.94
N VAL C 149 15.74 -30.15 -3.24
CA VAL C 149 16.12 -30.48 -1.87
C VAL C 149 17.63 -30.61 -1.67
N ASP C 150 18.27 -31.33 -2.58
CA ASP C 150 19.72 -31.56 -2.50
C ASP C 150 20.53 -30.42 -3.11
N ALA C 151 20.01 -29.82 -4.18
CA ALA C 151 20.66 -28.73 -4.86
C ALA C 151 20.66 -27.46 -4.03
N LEU C 152 19.49 -26.82 -3.94
CA LEU C 152 19.35 -25.57 -3.19
C LEU C 152 18.82 -25.80 -1.78
N ARG C 153 18.79 -24.72 -0.98
CA ARG C 153 18.28 -24.80 0.37
C ARG C 153 16.78 -24.63 0.30
N GLY C 154 16.19 -24.16 1.39
CA GLY C 154 14.75 -23.98 1.42
C GLY C 154 14.23 -22.65 0.95
N MSE C 155 13.17 -22.70 0.13
CA MSE C 155 12.54 -21.49 -0.38
C MSE C 155 11.92 -20.78 0.81
O MSE C 155 11.53 -21.42 1.78
CB MSE C 155 11.47 -21.82 -1.42
CG MSE C 155 10.35 -22.70 -0.90
SE MSE C 155 8.97 -23.07 -2.24
CE MSE C 155 9.55 -24.84 -2.75
N ASP C 156 11.86 -19.47 0.77
CA ASP C 156 11.28 -18.74 1.87
C ASP C 156 9.94 -18.15 1.47
N ILE C 157 8.88 -18.64 2.11
CA ILE C 157 7.55 -18.15 1.82
C ILE C 157 7.13 -17.15 2.89
N ALA C 158 6.53 -16.05 2.45
CA ALA C 158 6.06 -15.03 3.36
C ALA C 158 4.59 -14.79 3.06
N VAL C 159 3.71 -15.12 4.00
CA VAL C 159 2.26 -14.92 3.86
C VAL C 159 1.91 -13.58 4.52
N VAL C 160 1.86 -12.53 3.70
CA VAL C 160 1.57 -11.19 4.16
C VAL C 160 0.08 -10.89 4.13
N THR C 161 -0.52 -10.62 5.29
CA THR C 161 -1.95 -10.34 5.35
C THR C 161 -2.22 -8.87 5.71
N THR C 162 -3.50 -8.51 5.82
CA THR C 162 -3.88 -7.15 6.19
C THR C 162 -4.20 -7.06 7.68
N ALA C 163 -4.08 -8.18 8.37
CA ALA C 163 -4.33 -8.16 9.81
C ALA C 163 -3.24 -7.29 10.42
N GLU C 164 -3.54 -6.68 11.56
CA GLU C 164 -2.59 -5.81 12.24
C GLU C 164 -1.78 -6.52 13.33
N THR C 165 -2.34 -7.60 13.87
CA THR C 165 -1.66 -8.33 14.94
C THR C 165 -1.58 -9.79 14.57
N ASP C 166 -0.61 -10.48 15.19
CA ASP C 166 -0.41 -11.90 14.93
C ASP C 166 -1.59 -12.79 15.32
N GLU C 167 -2.25 -12.48 16.43
CA GLU C 167 -3.40 -13.29 16.85
C GLU C 167 -4.50 -13.27 15.79
N GLU C 168 -4.63 -12.18 15.03
CA GLU C 168 -5.67 -12.11 13.99
C GLU C 168 -5.14 -12.72 12.70
N ALA C 169 -3.82 -12.80 12.62
CA ALA C 169 -3.18 -13.37 11.46
C ALA C 169 -3.35 -14.87 11.49
N ARG C 170 -3.18 -15.48 12.67
CA ARG C 170 -3.33 -16.92 12.75
C ARG C 170 -4.78 -17.38 12.80
N ALA C 171 -5.68 -16.51 13.19
CA ALA C 171 -7.08 -16.91 13.19
C ALA C 171 -7.43 -17.09 11.72
N LEU C 172 -7.03 -16.10 10.92
CA LEU C 172 -7.27 -16.12 9.48
C LEU C 172 -6.65 -17.37 8.89
N LEU C 173 -5.38 -17.57 9.18
CA LEU C 173 -4.67 -18.73 8.68
C LEU C 173 -5.24 -20.03 9.25
N GLU C 174 -5.46 -20.09 10.56
CA GLU C 174 -6.02 -21.31 11.17
C GLU C 174 -7.26 -21.71 10.41
N LEU C 175 -8.27 -20.84 10.43
CA LEU C 175 -9.53 -21.08 9.75
C LEU C 175 -9.41 -21.28 8.24
N LEU C 176 -8.34 -20.74 7.66
CA LEU C 176 -8.14 -20.84 6.22
C LEU C 176 -7.73 -22.25 5.78
N GLY C 177 -7.00 -22.96 6.63
CA GLY C 177 -6.61 -24.31 6.29
C GLY C 177 -5.22 -24.69 6.75
N PHE C 178 -4.37 -23.69 6.93
CA PHE C 178 -2.99 -23.89 7.38
C PHE C 178 -2.87 -24.88 8.53
N PRO C 179 -2.25 -26.05 8.28
CA PRO C 179 -2.07 -27.11 9.29
C PRO C 179 -0.96 -26.84 10.31
N PHE C 180 -1.27 -26.07 11.35
CA PHE C 180 -0.30 -25.76 12.40
C PHE C 180 -0.19 -26.90 13.42
N ARG C 181 0.36 -26.58 14.59
CA ARG C 181 0.50 -27.52 15.69
C ARG C 181 -0.06 -26.83 16.95
N LYS C 182 -0.93 -25.85 16.73
CA LYS C 182 -1.57 -25.07 17.78
C LYS C 182 -2.68 -24.16 17.20
N ASP D 4 7.55 24.76 8.98
CA ASP D 4 7.91 24.03 10.24
C ASP D 4 7.03 22.79 10.39
N VAL D 5 7.65 21.69 10.77
CA VAL D 5 6.93 20.43 10.95
C VAL D 5 6.38 20.32 12.37
N ALA D 6 5.62 21.32 12.79
CA ALA D 6 5.04 21.35 14.13
C ALA D 6 3.73 20.56 14.24
N LEU D 7 3.07 20.36 13.10
CA LEU D 7 1.81 19.62 13.08
C LEU D 7 2.10 18.12 13.22
N LYS D 8 3.30 17.70 12.83
CA LYS D 8 3.66 16.29 12.95
C LYS D 8 3.91 15.95 14.41
N ARG D 9 4.65 16.82 15.09
CA ARG D 9 4.97 16.65 16.50
C ARG D 9 3.65 16.52 17.24
N LYS D 10 2.70 17.38 16.89
CA LYS D 10 1.37 17.36 17.48
C LYS D 10 0.71 16.02 17.25
N TYR D 11 0.84 15.48 16.05
CA TYR D 11 0.25 14.19 15.80
C TYR D 11 0.89 13.15 16.71
N TYR D 12 2.20 13.04 16.63
CA TYR D 12 2.94 12.07 17.42
C TYR D 12 2.95 12.29 18.94
N GLU D 13 2.80 13.54 19.38
CA GLU D 13 2.82 13.82 20.81
C GLU D 13 1.45 13.93 21.45
N GLU D 14 0.51 14.53 20.73
CA GLU D 14 -0.84 14.69 21.27
C GLU D 14 -1.89 13.79 20.67
N VAL D 15 -2.01 13.80 19.35
CA VAL D 15 -3.04 13.02 18.69
C VAL D 15 -2.97 11.51 18.83
N ARG D 16 -1.81 10.92 18.55
CA ARG D 16 -1.75 9.46 18.65
C ARG D 16 -2.21 9.00 20.02
N PRO D 17 -1.69 9.60 21.11
CA PRO D 17 -2.15 9.15 22.42
C PRO D 17 -3.61 9.45 22.75
N GLU D 18 -4.17 10.50 22.16
CA GLU D 18 -5.57 10.84 22.41
C GLU D 18 -6.51 9.92 21.61
N LEU D 19 -6.04 9.45 20.46
CA LEU D 19 -6.82 8.54 19.62
C LEU D 19 -6.86 7.16 20.27
N ILE D 20 -5.71 6.74 20.79
CA ILE D 20 -5.64 5.45 21.45
C ILE D 20 -6.62 5.44 22.61
N ARG D 21 -6.68 6.56 23.32
CA ARG D 21 -7.58 6.70 24.46
C ARG D 21 -9.05 6.63 24.01
N ARG D 22 -9.37 7.37 22.96
CA ARG D 22 -10.74 7.40 22.45
C ARG D 22 -11.24 6.10 21.86
N PHE D 23 -10.40 5.42 21.07
CA PHE D 23 -10.84 4.18 20.44
C PHE D 23 -10.29 2.90 21.08
N GLY D 24 -9.29 3.02 21.94
CA GLY D 24 -8.76 1.86 22.63
C GLY D 24 -7.90 0.92 21.79
N TYR D 25 -6.99 1.50 21.01
CA TYR D 25 -6.07 0.74 20.16
C TYR D 25 -5.07 0.04 21.06
N GLN D 26 -4.89 -1.25 20.86
CA GLN D 26 -3.98 -2.04 21.67
C GLN D 26 -2.56 -1.84 21.19
N ASN D 27 -2.42 -1.56 19.90
CA ASN D 27 -1.12 -1.36 19.28
C ASN D 27 -0.99 0.03 18.63
N VAL D 28 0.17 0.67 18.81
CA VAL D 28 0.38 1.99 18.27
C VAL D 28 0.36 2.08 16.74
N TRP D 29 0.47 0.95 16.05
CA TRP D 29 0.48 1.00 14.59
C TRP D 29 -0.88 0.82 13.98
N GLU D 30 -1.89 0.70 14.81
CA GLU D 30 -3.27 0.53 14.33
C GLU D 30 -3.96 1.91 14.36
N VAL D 31 -3.37 2.86 15.09
CA VAL D 31 -3.92 4.20 15.18
C VAL D 31 -3.82 4.84 13.81
N PRO D 32 -4.94 5.38 13.32
CA PRO D 32 -4.99 6.04 11.99
C PRO D 32 -3.99 7.17 11.85
N ARG D 33 -3.51 7.32 10.61
CA ARG D 33 -2.57 8.37 10.31
C ARG D 33 -2.79 8.89 8.89
N LEU D 34 -2.15 10.01 8.57
CA LEU D 34 -2.22 10.63 7.25
C LEU D 34 -1.25 9.88 6.34
N GLU D 35 -1.76 9.40 5.22
CA GLU D 35 -0.95 8.66 4.28
C GLU D 35 -0.46 9.58 3.16
N LYS D 36 -1.33 10.49 2.74
CA LYS D 36 -1.02 11.43 1.67
C LYS D 36 -2.14 12.45 1.49
N VAL D 37 -1.84 13.53 0.78
CA VAL D 37 -2.78 14.58 0.47
C VAL D 37 -2.62 14.83 -1.03
N VAL D 38 -3.69 14.69 -1.79
CA VAL D 38 -3.59 14.92 -3.23
C VAL D 38 -4.24 16.26 -3.61
N ILE D 39 -3.49 17.08 -4.33
CA ILE D 39 -3.97 18.39 -4.75
C ILE D 39 -4.28 18.40 -6.24
N ASN D 40 -5.49 18.81 -6.60
CA ASN D 40 -5.89 18.89 -8.01
C ASN D 40 -6.39 20.29 -8.39
N GLN D 41 -5.54 21.01 -9.12
CA GLN D 41 -5.84 22.37 -9.58
C GLN D 41 -6.35 22.46 -11.00
N GLY D 42 -7.53 23.05 -11.17
CA GLY D 42 -8.10 23.23 -12.49
C GLY D 42 -7.37 24.42 -13.10
N LEU D 43 -7.44 24.54 -14.42
CA LEU D 43 -6.75 25.63 -15.11
C LEU D 43 -7.59 26.90 -15.32
N GLY D 44 -6.92 28.04 -15.29
CA GLY D 44 -7.58 29.32 -15.49
C GLY D 44 -7.17 29.98 -16.80
N GLU D 45 -6.10 30.77 -16.75
CA GLU D 45 -5.60 31.43 -17.95
C GLU D 45 -4.43 30.64 -18.51
N ALA D 46 -3.80 29.84 -17.65
CA ALA D 46 -2.69 28.99 -18.06
C ALA D 46 -3.21 28.08 -19.16
N LYS D 47 -4.53 27.88 -19.15
CA LYS D 47 -5.21 27.05 -20.14
C LYS D 47 -4.93 27.64 -21.51
N GLU D 48 -4.90 26.79 -22.53
CA GLU D 48 -4.64 27.23 -23.91
C GLU D 48 -3.47 28.21 -23.90
N ASP D 49 -2.30 27.72 -23.50
CA ASP D 49 -1.10 28.54 -23.43
C ASP D 49 0.09 27.72 -22.88
N ALA D 50 1.29 28.29 -22.93
CA ALA D 50 2.49 27.62 -22.45
C ALA D 50 3.53 28.60 -21.89
N ARG D 51 3.05 29.57 -21.10
CA ARG D 51 3.90 30.57 -20.46
C ARG D 51 3.25 30.93 -19.13
N ILE D 52 1.93 30.92 -19.12
CA ILE D 52 1.15 31.21 -17.92
C ILE D 52 0.95 29.86 -17.23
N LEU D 53 1.04 28.81 -18.03
CA LEU D 53 0.91 27.43 -17.55
C LEU D 53 2.21 27.04 -16.88
N GLU D 54 3.27 27.80 -17.17
CA GLU D 54 4.59 27.57 -16.58
C GLU D 54 4.72 28.41 -15.30
N LYS D 55 4.05 29.55 -15.28
CA LYS D 55 4.10 30.41 -14.11
C LYS D 55 3.09 29.87 -13.10
N ALA D 56 2.13 29.09 -13.59
CA ALA D 56 1.11 28.49 -12.73
C ALA D 56 1.70 27.26 -12.06
N ALA D 57 2.44 26.46 -12.82
CA ALA D 57 3.06 25.26 -12.29
C ALA D 57 4.09 25.63 -11.23
N GLN D 58 4.92 26.61 -11.54
CA GLN D 58 5.94 27.05 -10.60
C GLN D 58 5.21 27.76 -9.47
N GLU D 59 3.95 28.10 -9.71
CA GLU D 59 3.09 28.76 -8.73
C GLU D 59 2.72 27.73 -7.68
N LEU D 60 2.14 26.63 -8.14
CA LEU D 60 1.74 25.54 -7.25
C LEU D 60 2.95 24.80 -6.74
N ALA D 61 4.04 24.89 -7.51
CA ALA D 61 5.30 24.25 -7.16
C ALA D 61 5.93 24.88 -5.93
N LEU D 62 5.67 26.16 -5.72
CA LEU D 62 6.21 26.87 -4.56
C LEU D 62 5.25 26.75 -3.37
N ILE D 63 3.97 26.61 -3.68
CA ILE D 63 2.93 26.46 -2.66
C ILE D 63 3.03 25.10 -1.97
N THR D 64 3.42 24.08 -2.73
CA THR D 64 3.49 22.70 -2.26
C THR D 64 4.90 22.16 -2.02
N GLY D 65 5.89 22.72 -2.68
CA GLY D 65 7.24 22.25 -2.50
C GLY D 65 7.63 21.19 -3.52
N GLN D 66 6.73 20.86 -4.44
CA GLN D 66 7.13 19.87 -5.41
C GLN D 66 6.56 20.09 -6.80
N LYS D 67 7.20 19.42 -7.76
CA LYS D 67 6.87 19.53 -9.16
C LYS D 67 5.48 19.04 -9.49
N PRO D 68 4.60 19.95 -9.91
CA PRO D 68 3.25 19.51 -10.24
C PRO D 68 3.27 18.56 -11.45
N ALA D 69 2.20 17.80 -11.60
CA ALA D 69 2.04 16.87 -12.72
C ALA D 69 0.88 17.43 -13.53
N VAL D 70 0.99 17.38 -14.85
CA VAL D 70 -0.03 17.91 -15.73
C VAL D 70 -1.09 16.88 -16.12
N THR D 71 -2.33 17.10 -15.71
CA THR D 71 -3.41 16.18 -16.07
C THR D 71 -3.95 16.59 -17.43
N ARG D 72 -4.11 15.61 -18.32
CA ARG D 72 -4.60 15.88 -19.66
C ARG D 72 -5.80 15.04 -20.03
N ALA D 73 -6.40 15.32 -21.19
CA ALA D 73 -7.57 14.59 -21.67
C ALA D 73 -7.15 13.35 -22.47
N LYS D 74 -7.58 12.19 -22.01
CA LYS D 74 -7.27 10.90 -22.62
C LYS D 74 -7.18 10.89 -24.16
N LYS D 75 -6.13 10.25 -24.66
CA LYS D 75 -5.83 10.14 -26.10
C LYS D 75 -6.54 8.99 -26.84
N SER D 76 -7.69 9.28 -27.44
CA SER D 76 -8.44 8.27 -28.17
C SER D 76 -9.33 8.89 -29.25
N ILE D 77 -8.71 9.52 -30.25
CA ILE D 77 -9.43 10.17 -31.34
C ILE D 77 -10.29 9.24 -32.20
N SER D 78 -11.39 9.78 -32.70
CA SER D 78 -12.31 9.02 -33.54
C SER D 78 -11.75 8.90 -34.97
N ASN D 79 -12.37 9.59 -35.91
CA ASN D 79 -11.93 9.54 -37.30
C ASN D 79 -11.54 10.91 -37.85
N PHE D 80 -11.90 11.96 -37.11
CA PHE D 80 -11.58 13.34 -37.51
C PHE D 80 -10.36 13.82 -36.70
N LYS D 81 -9.17 13.44 -37.15
CA LYS D 81 -7.91 13.78 -36.48
C LYS D 81 -7.66 15.24 -36.13
N LEU D 82 -7.88 15.57 -34.87
CA LEU D 82 -7.66 16.92 -34.35
C LEU D 82 -7.10 16.80 -32.94
N ARG D 83 -6.01 16.04 -32.81
CA ARG D 83 -5.32 15.83 -31.54
C ARG D 83 -6.08 15.00 -30.52
N LYS D 84 -5.41 14.65 -29.42
CA LYS D 84 -6.02 13.83 -28.37
C LYS D 84 -5.91 14.42 -26.96
N GLY D 85 -6.70 15.45 -26.67
CA GLY D 85 -6.69 16.06 -25.35
C GLY D 85 -5.46 16.83 -24.87
N MET D 86 -5.69 18.08 -24.49
CA MET D 86 -4.65 18.99 -23.98
C MET D 86 -4.73 19.01 -22.44
N PRO D 87 -3.90 19.83 -21.77
CA PRO D 87 -3.94 19.88 -20.29
C PRO D 87 -5.24 20.42 -19.67
N ILE D 88 -5.75 19.68 -18.68
CA ILE D 88 -6.98 20.06 -17.97
C ILE D 88 -6.67 20.55 -16.55
N GLY D 89 -5.43 20.33 -16.11
CA GLY D 89 -5.05 20.75 -14.77
C GLY D 89 -3.68 20.28 -14.29
N LEU D 90 -3.42 20.56 -13.01
CA LEU D 90 -2.18 20.19 -12.34
C LEU D 90 -2.51 19.24 -11.18
N ARG D 91 -1.58 18.36 -10.84
CA ARG D 91 -1.78 17.44 -9.73
C ARG D 91 -0.50 17.17 -8.96
N VAL D 92 -0.59 17.22 -7.64
CA VAL D 92 0.53 16.98 -6.75
C VAL D 92 0.10 16.06 -5.61
N THR D 93 0.88 15.02 -5.36
CA THR D 93 0.61 14.06 -4.30
C THR D 93 1.61 14.31 -3.17
N LEU D 94 1.15 14.87 -2.06
CA LEU D 94 2.04 15.14 -0.93
C LEU D 94 2.09 14.02 0.12
N ARG D 95 3.29 13.54 0.41
CA ARG D 95 3.47 12.48 1.40
C ARG D 95 4.58 12.95 2.33
N ARG D 96 4.69 12.32 3.50
CA ARG D 96 5.72 12.67 4.45
C ARG D 96 5.81 14.18 4.77
N ASP D 97 7.01 14.67 5.05
CA ASP D 97 7.24 16.08 5.41
C ASP D 97 6.54 17.14 4.57
N ARG D 98 6.59 17.03 3.25
CA ARG D 98 5.93 18.02 2.41
C ARG D 98 4.44 18.06 2.67
N MSE D 99 3.87 16.93 3.09
CA MSE D 99 2.45 16.84 3.37
C MSE D 99 2.11 17.58 4.67
O MSE D 99 1.07 18.27 4.76
CB MSE D 99 2.04 15.39 3.50
CG MSE D 99 0.70 15.18 4.18
SE MSE D 99 0.30 13.32 4.35
CE MSE D 99 1.66 12.82 5.63
N TRP D 100 2.97 17.42 5.66
CA TRP D 100 2.81 18.08 6.95
C TRP D 100 2.90 19.60 6.79
N ILE D 101 3.96 20.04 6.13
CA ILE D 101 4.20 21.46 5.87
C ILE D 101 3.03 22.12 5.14
N PHE D 102 2.36 21.36 4.29
CA PHE D 102 1.24 21.92 3.53
C PHE D 102 -0.01 21.99 4.39
N LEU D 103 -0.22 21.02 5.26
CA LEU D 103 -1.37 21.03 6.15
C LEU D 103 -1.24 22.13 7.20
N GLU D 104 -0.01 22.41 7.62
CA GLU D 104 0.26 23.47 8.60
C GLU D 104 -0.03 24.84 7.98
N LYS D 105 0.45 25.07 6.77
CA LYS D 105 0.23 26.33 6.06
C LYS D 105 -1.25 26.50 5.77
N LEU D 106 -1.86 25.42 5.31
CA LEU D 106 -3.27 25.41 4.96
C LEU D 106 -4.16 25.93 6.08
N LEU D 107 -3.89 25.51 7.31
CA LEU D 107 -4.72 25.95 8.43
C LEU D 107 -4.12 27.03 9.32
N ASN D 108 -2.83 27.30 9.18
CA ASN D 108 -2.23 28.35 9.99
C ASN D 108 -1.98 29.58 9.14
N VAL D 109 -2.30 29.47 7.84
CA VAL D 109 -2.10 30.58 6.91
C VAL D 109 -3.21 30.69 5.88
N ALA D 110 -3.46 29.61 5.13
CA ALA D 110 -4.49 29.62 4.09
C ALA D 110 -5.96 29.71 4.56
N LEU D 111 -6.31 28.99 5.61
CA LEU D 111 -7.69 29.06 6.10
C LEU D 111 -7.99 30.38 6.82
N PRO D 112 -7.02 30.88 7.62
CA PRO D 112 -7.25 32.14 8.33
C PRO D 112 -7.38 33.37 7.39
N ARG D 113 -6.75 33.31 6.21
CA ARG D 113 -6.82 34.41 5.26
C ARG D 113 -8.14 34.42 4.50
N ILE D 114 -9.08 33.57 4.91
CA ILE D 114 -10.39 33.53 4.26
C ILE D 114 -11.32 34.37 5.12
N ARG D 115 -12.05 35.26 4.48
CA ARG D 115 -12.97 36.14 5.17
C ARG D 115 -14.35 35.49 5.27
N ASP D 116 -15.00 35.67 6.40
CA ASP D 116 -16.34 35.14 6.62
C ASP D 116 -16.37 33.63 6.79
N PHE D 117 -15.17 33.03 6.76
CA PHE D 117 -15.00 31.60 6.90
C PHE D 117 -15.94 31.00 7.96
N ARG D 118 -16.68 29.96 7.57
CA ARG D 118 -17.58 29.29 8.50
C ARG D 118 -16.77 28.20 9.19
N GLY D 119 -16.34 27.22 8.41
CA GLY D 119 -15.56 26.10 8.91
C GLY D 119 -15.49 25.10 7.78
N LEU D 120 -15.13 23.86 8.08
CA LEU D 120 -15.05 22.83 7.04
C LEU D 120 -16.29 21.99 7.16
N ASN D 121 -16.82 21.51 6.06
CA ASN D 121 -18.00 20.67 6.15
C ASN D 121 -17.60 19.34 6.82
N PRO D 122 -18.28 18.97 7.92
CA PRO D 122 -17.94 17.72 8.60
C PRO D 122 -18.52 16.51 7.90
N ASN D 123 -19.11 16.74 6.74
CA ASN D 123 -19.74 15.66 5.97
C ASN D 123 -18.94 15.20 4.77
N SER D 124 -17.98 16.03 4.34
CA SER D 124 -17.15 15.73 3.19
C SER D 124 -16.30 14.47 3.32
N PHE D 125 -16.76 13.49 4.10
CA PHE D 125 -16.04 12.24 4.25
C PHE D 125 -16.55 11.20 3.26
N ASP D 126 -15.62 10.64 2.49
CA ASP D 126 -15.93 9.68 1.45
C ASP D 126 -16.40 8.28 1.84
N GLY D 127 -16.52 8.02 3.14
CA GLY D 127 -16.98 6.71 3.57
C GLY D 127 -15.93 5.65 3.84
N ARG D 128 -14.68 5.90 3.48
CA ARG D 128 -13.61 4.95 3.73
C ARG D 128 -12.57 5.58 4.61
N GLY D 129 -12.91 6.72 5.20
CA GLY D 129 -11.99 7.39 6.09
C GLY D 129 -11.16 8.50 5.46
N ASN D 130 -11.61 9.04 4.33
CA ASN D 130 -10.87 10.11 3.68
C ASN D 130 -11.68 11.40 3.62
N TYR D 131 -11.01 12.54 3.45
CA TYR D 131 -11.67 13.85 3.44
C TYR D 131 -11.37 14.71 2.20
N ASN D 132 -12.39 15.38 1.68
CA ASN D 132 -12.24 16.22 0.50
C ASN D 132 -12.75 17.65 0.74
N LEU D 133 -12.07 18.62 0.16
CA LEU D 133 -12.48 20.01 0.27
C LEU D 133 -12.02 20.80 -0.94
N GLY D 134 -12.72 21.89 -1.24
CA GLY D 134 -12.36 22.69 -2.38
C GLY D 134 -12.15 24.15 -2.00
N LEU D 135 -10.97 24.68 -2.30
CA LEU D 135 -10.64 26.07 -2.00
C LEU D 135 -10.78 26.91 -3.27
N ARG D 136 -12.00 27.40 -3.49
CA ARG D 136 -12.30 28.19 -4.67
C ARG D 136 -11.43 29.41 -4.94
N GLU D 137 -11.72 30.52 -4.29
CA GLU D 137 -10.95 31.73 -4.52
C GLU D 137 -9.69 31.88 -3.68
N GLN D 138 -8.60 32.22 -4.37
CA GLN D 138 -7.30 32.38 -3.75
C GLN D 138 -7.12 33.77 -3.12
N LEU D 139 -5.86 34.08 -2.77
CA LEU D 139 -5.40 35.30 -2.11
C LEU D 139 -5.22 34.88 -0.65
N ILE D 140 -5.21 33.55 -0.47
CA ILE D 140 -5.04 32.90 0.82
C ILE D 140 -3.65 32.26 0.89
N PHE D 141 -2.95 32.25 -0.24
CA PHE D 141 -1.59 31.71 -0.31
C PHE D 141 -0.61 32.85 -0.65
N PRO D 142 0.25 33.23 0.31
CA PRO D 142 1.24 34.30 0.14
C PRO D 142 2.05 34.24 -1.14
N GLU D 143 2.35 33.03 -1.58
CA GLU D 143 3.16 32.79 -2.77
C GLU D 143 2.60 33.32 -4.09
N ILE D 144 1.32 33.05 -4.37
CA ILE D 144 0.69 33.50 -5.62
C ILE D 144 0.89 34.99 -5.79
N THR D 145 1.83 35.33 -6.67
CA THR D 145 2.17 36.71 -6.94
C THR D 145 1.03 37.43 -7.64
N TYR D 146 1.07 38.75 -7.65
CA TYR D 146 0.05 39.53 -8.31
C TYR D 146 0.38 39.44 -9.81
N ASP D 147 -0.60 39.69 -10.68
CA ASP D 147 -0.35 39.60 -12.12
C ASP D 147 0.04 38.15 -12.39
N MET D 148 -0.85 37.23 -12.01
CA MET D 148 -0.67 35.79 -12.16
C MET D 148 -1.64 35.06 -11.22
N VAL D 149 -2.73 35.74 -10.86
CA VAL D 149 -3.72 35.16 -9.97
C VAL D 149 -4.72 34.28 -10.69
N ASP D 150 -5.34 34.81 -11.74
CA ASP D 150 -6.33 34.06 -12.50
C ASP D 150 -5.72 33.07 -13.49
N ALA D 151 -4.45 32.74 -13.28
CA ALA D 151 -3.76 31.78 -14.13
C ALA D 151 -4.29 30.41 -13.75
N LEU D 152 -4.77 30.32 -12.51
CA LEU D 152 -5.30 29.07 -11.97
C LEU D 152 -6.69 29.25 -11.34
N ARG D 153 -7.49 28.18 -11.33
CA ARG D 153 -8.84 28.20 -10.75
C ARG D 153 -8.75 27.82 -9.26
N GLY D 154 -9.58 26.88 -8.82
CA GLY D 154 -9.58 26.44 -7.43
C GLY D 154 -9.06 25.02 -7.25
N MSE D 155 -8.53 24.71 -6.06
CA MSE D 155 -7.97 23.38 -5.81
C MSE D 155 -8.80 22.37 -4.99
O MSE D 155 -9.26 22.67 -3.88
CB MSE D 155 -6.56 23.50 -5.21
CG MSE D 155 -6.41 24.36 -3.95
SE MSE D 155 -4.61 24.29 -3.15
CE MSE D 155 -3.73 25.69 -4.18
N ASP D 156 -8.98 21.16 -5.55
CA ASP D 156 -9.70 20.07 -4.89
C ASP D 156 -8.70 19.25 -4.07
N ILE D 157 -8.85 19.29 -2.75
CA ILE D 157 -7.94 18.57 -1.88
C ILE D 157 -8.53 17.26 -1.35
N ALA D 158 -7.69 16.24 -1.33
CA ALA D 158 -8.07 14.92 -0.86
C ALA D 158 -7.09 14.46 0.22
N VAL D 159 -7.56 14.43 1.46
CA VAL D 159 -6.73 14.01 2.58
C VAL D 159 -7.01 12.52 2.83
N VAL D 160 -6.08 11.69 2.36
CA VAL D 160 -6.19 10.25 2.48
C VAL D 160 -5.55 9.73 3.75
N THR D 161 -6.30 8.97 4.53
CA THR D 161 -5.74 8.43 5.76
C THR D 161 -5.82 6.91 5.83
N THR D 162 -5.17 6.34 6.85
CA THR D 162 -5.15 4.89 7.07
C THR D 162 -6.33 4.50 7.93
N ALA D 163 -7.16 5.48 8.29
CA ALA D 163 -8.35 5.23 9.09
C ALA D 163 -9.35 4.46 8.21
N GLU D 164 -9.91 3.38 8.75
CA GLU D 164 -10.84 2.57 7.99
C GLU D 164 -12.23 3.14 7.87
N THR D 165 -12.59 4.06 8.76
CA THR D 165 -13.92 4.68 8.77
C THR D 165 -13.88 6.20 8.90
N ASP D 166 -15.02 6.85 8.64
CA ASP D 166 -15.10 8.30 8.73
C ASP D 166 -15.03 8.75 10.18
N GLU D 167 -15.54 7.91 11.08
CA GLU D 167 -15.55 8.22 12.50
C GLU D 167 -14.10 8.42 12.97
N GLU D 168 -13.26 7.43 12.72
CA GLU D 168 -11.86 7.46 13.10
C GLU D 168 -11.14 8.59 12.37
N ALA D 169 -11.44 8.72 11.08
CA ALA D 169 -10.84 9.76 10.26
C ALA D 169 -11.21 11.13 10.81
N ARG D 170 -12.47 11.32 11.20
CA ARG D 170 -12.90 12.60 11.74
C ARG D 170 -12.21 12.92 13.06
N ALA D 171 -12.12 11.93 13.94
CA ALA D 171 -11.45 12.13 15.21
C ALA D 171 -10.03 12.59 14.90
N LEU D 172 -9.36 11.89 13.99
CA LEU D 172 -8.00 12.24 13.61
C LEU D 172 -7.93 13.69 13.21
N LEU D 173 -8.70 14.06 12.20
CA LEU D 173 -8.69 15.43 11.71
C LEU D 173 -9.01 16.47 12.78
N GLU D 174 -10.08 16.27 13.55
CA GLU D 174 -10.48 17.20 14.62
C GLU D 174 -9.43 17.35 15.71
N LEU D 175 -8.69 16.28 15.99
CA LEU D 175 -7.65 16.36 17.01
C LEU D 175 -6.42 17.00 16.41
N LEU D 176 -6.28 16.96 15.09
CA LEU D 176 -5.13 17.60 14.46
C LEU D 176 -5.34 19.11 14.46
N GLY D 177 -6.61 19.52 14.45
CA GLY D 177 -6.91 20.94 14.47
C GLY D 177 -7.67 21.49 13.26
N PHE D 178 -8.43 20.64 12.58
CA PHE D 178 -9.20 21.12 11.44
C PHE D 178 -10.44 21.78 12.02
N PRO D 179 -10.76 23.01 11.56
CA PRO D 179 -11.91 23.79 12.02
C PRO D 179 -13.21 23.37 11.35
N PHE D 180 -13.80 22.29 11.84
CA PHE D 180 -15.04 21.79 11.25
C PHE D 180 -16.26 22.60 11.62
N ARG D 181 -17.07 22.84 10.61
CA ARG D 181 -18.32 23.57 10.71
C ARG D 181 -19.22 22.90 11.76
N LYS D 182 -19.55 21.64 11.53
CA LYS D 182 -20.41 20.83 12.40
C LYS D 182 -21.84 21.36 12.49
MG MG E . 14.97 2.44 -9.31
K K F . 9.64 1.67 2.30
MG MG G . 2.07 2.19 -18.15
K K H . -6.83 -0.12 -8.23
MG MG I . 0.00 -7.50 8.08
MG MG J . -8.84 5.54 4.56
#